data_2BXL
#
_entry.id   2BXL
#
_cell.length_a   191.910
_cell.length_b   39.180
_cell.length_c   95.920
_cell.angle_alpha   90.00
_cell.angle_beta   104.99
_cell.angle_gamma   90.00
#
_symmetry.space_group_name_H-M   'C 1 2 1'
#
loop_
_entity.id
_entity.type
_entity.pdbx_description
1 polymer 'SERUM ALBUMIN'
2 non-polymer 'MYRISTIC ACID'
3 non-polymer '2-HYDROXY-3,5-DIIODO-BENZOIC ACID'
4 water water
#
_entity_poly.entity_id   1
_entity_poly.type   'polypeptide(L)'
_entity_poly.pdbx_seq_one_letter_code
;DAHKSEVAHRFKDLGEENFKALVLIAFAQYLQQCPFEDHVKLVNEVTEFAKTCVADESAENCDKSLHTLFGDKLCTVATL
RETYGEMADCCAKQEPERNECFLQHKDDNPNLPRLVRPEVDVMCTAFHDNEETFLKKYLYEIARRHPYFYAPELLFFAKR
YKAAFTECCQAADKAACLLPKLDELRDEGKASSAKQRLKCASLQKFGERAFKAWAVARLSQRFPKAEFAEVSKLVTDLTK
VHTECCHGDLLECADDRADLAKYICENQDSISSKLKECCEKPLLEKSHCIAEVENDEMPADLPSLAADFVESKDVCKNYA
EAKDVFLGMFLYEYARRHPDYSVVLLLRLAKTYETTLEKCCAAADPHECYAKVFDEFKPLVEEPQNLIKQNCELFEQLGE
YKFQNALLVRYTKKVPQVSTPTLVEVSRNLGKVGSKCCKHPEAKRMPCAEDYLSVVLNQLCVLHEKTPVSDRVTKCCTES
LVNRRPCFSALEVDETYVPKEFNAETFTFHADICTLSEKERQIKKQTALVELVKHKPKATKEQLKAVMDDFAAFVEKCCK
ADDKETCFAEEGKKLVAASQAALGL
;
_entity_poly.pdbx_strand_id   A
#
loop_
_chem_comp.id
_chem_comp.type
_chem_comp.name
_chem_comp.formula
DIU non-polymer '2-HYDROXY-3,5-DIIODO-BENZOIC ACID' 'C7 H4 I2 O3'
MYR non-polymer 'MYRISTIC ACID' 'C14 H28 O2'
#
# COMPACT_ATOMS: atom_id res chain seq x y z
N HIS A 3 10.35 28.36 23.66
CA HIS A 3 10.95 28.07 22.32
C HIS A 3 11.11 29.30 21.45
N LYS A 4 12.23 29.99 21.61
CA LYS A 4 12.53 31.19 20.82
C LYS A 4 13.05 30.79 19.44
N SER A 5 13.79 29.69 19.39
CA SER A 5 14.38 29.18 18.15
C SER A 5 13.78 27.85 17.75
N GLU A 6 13.13 27.82 16.60
CA GLU A 6 12.51 26.59 16.12
C GLU A 6 13.54 25.51 15.78
N VAL A 7 14.67 25.89 15.20
CA VAL A 7 15.70 24.92 14.86
C VAL A 7 16.32 24.29 16.08
N ALA A 8 16.60 25.11 17.08
CA ALA A 8 17.22 24.62 18.29
C ALA A 8 16.32 23.59 18.96
N HIS A 9 15.02 23.85 18.94
CA HIS A 9 14.07 22.94 19.56
C HIS A 9 14.03 21.59 18.88
N ARG A 10 13.88 21.61 17.56
CA ARG A 10 13.83 20.38 16.77
C ARG A 10 15.13 19.61 16.94
N PHE A 11 16.23 20.34 16.95
CA PHE A 11 17.53 19.72 17.10
C PHE A 11 17.62 18.96 18.40
N LYS A 12 17.09 19.55 19.47
CA LYS A 12 17.11 18.91 20.77
C LYS A 12 16.15 17.72 20.84
N ASP A 13 14.94 17.85 20.30
CA ASP A 13 14.00 16.72 20.33
C ASP A 13 14.52 15.54 19.52
N LEU A 14 15.00 15.84 18.30
CA LEU A 14 15.49 14.82 17.38
C LEU A 14 16.86 14.22 17.68
N GLY A 15 17.85 15.08 17.92
CA GLY A 15 19.18 14.60 18.17
C GLY A 15 19.95 14.73 16.86
N GLU A 16 21.23 15.04 16.96
CA GLU A 16 22.07 15.22 15.78
C GLU A 16 21.83 14.24 14.61
N GLU A 17 22.01 12.95 14.89
CA GLU A 17 21.85 11.91 13.88
C GLU A 17 20.57 12.01 13.06
N ASN A 18 19.43 11.90 13.73
CA ASN A 18 18.13 11.97 13.07
C ASN A 18 17.98 13.29 12.32
N PHE A 19 18.36 14.38 12.96
CA PHE A 19 18.26 15.69 12.35
C PHE A 19 18.91 15.71 10.96
N LYS A 20 20.19 15.38 10.94
CA LYS A 20 20.98 15.35 9.73
C LYS A 20 20.38 14.45 8.65
N ALA A 21 19.85 13.31 9.04
CA ALA A 21 19.23 12.41 8.08
C ALA A 21 17.99 13.08 7.46
N LEU A 22 17.20 13.72 8.32
CA LEU A 22 15.98 14.39 7.91
C LEU A 22 16.22 15.61 7.02
N VAL A 23 17.22 16.40 7.32
CA VAL A 23 17.47 17.58 6.47
C VAL A 23 17.90 17.03 5.10
N LEU A 24 18.67 15.95 5.11
CA LEU A 24 19.11 15.32 3.88
C LEU A 24 17.90 14.91 3.05
N ILE A 25 16.98 14.16 3.66
CA ILE A 25 15.80 13.70 2.97
C ILE A 25 14.99 14.88 2.43
N ALA A 26 14.75 15.84 3.31
CA ALA A 26 13.98 17.02 2.96
C ALA A 26 14.53 17.72 1.72
N PHE A 27 15.81 18.03 1.71
CA PHE A 27 16.41 18.69 0.55
C PHE A 27 16.38 17.81 -0.71
N ALA A 28 16.51 16.50 -0.53
CA ALA A 28 16.49 15.62 -1.68
C ALA A 28 15.10 15.60 -2.33
N GLN A 29 14.05 15.66 -1.52
CA GLN A 29 12.69 15.65 -2.03
C GLN A 29 12.31 16.92 -2.81
N TYR A 30 13.06 18.00 -2.63
CA TYR A 30 12.76 19.20 -3.39
C TYR A 30 13.76 19.35 -4.53
N LEU A 31 15.04 19.37 -4.18
CA LEU A 31 16.08 19.50 -5.20
C LEU A 31 16.53 18.12 -5.63
N GLN A 32 15.61 17.41 -6.28
CA GLN A 32 15.84 16.05 -6.74
C GLN A 32 16.84 15.90 -7.88
N GLN A 33 17.23 17.01 -8.51
CA GLN A 33 18.18 16.95 -9.61
C GLN A 33 19.62 17.34 -9.25
N CYS A 34 19.87 17.72 -8.00
CA CYS A 34 21.23 18.11 -7.58
C CYS A 34 22.02 16.90 -7.11
N PRO A 35 23.34 16.92 -7.35
CA PRO A 35 24.22 15.81 -6.93
C PRO A 35 24.31 15.63 -5.41
N PHE A 36 24.70 14.42 -5.00
CA PHE A 36 24.85 14.08 -3.59
C PHE A 36 25.81 15.00 -2.83
N GLU A 37 26.96 15.27 -3.42
CA GLU A 37 27.96 16.10 -2.75
C GLU A 37 27.41 17.47 -2.41
N ASP A 38 26.44 17.93 -3.20
CA ASP A 38 25.81 19.23 -2.97
C ASP A 38 24.89 19.21 -1.77
N HIS A 39 24.10 18.15 -1.63
CA HIS A 39 23.20 18.06 -0.49
C HIS A 39 24.01 17.89 0.79
N VAL A 40 25.10 17.12 0.69
CA VAL A 40 25.94 16.89 1.84
C VAL A 40 26.47 18.21 2.38
N LYS A 41 26.94 19.07 1.48
CA LYS A 41 27.47 20.34 1.93
C LYS A 41 26.36 21.09 2.65
N LEU A 42 25.15 21.05 2.08
CA LEU A 42 24.01 21.75 2.67
C LEU A 42 23.65 21.25 4.06
N VAL A 43 23.64 19.93 4.23
CA VAL A 43 23.30 19.37 5.52
C VAL A 43 24.26 19.91 6.58
N ASN A 44 25.55 19.95 6.28
CA ASN A 44 26.53 20.44 7.24
C ASN A 44 26.31 21.92 7.55
N GLU A 45 25.95 22.71 6.54
CA GLU A 45 25.68 24.13 6.76
C GLU A 45 24.46 24.27 7.67
N VAL A 46 23.42 23.49 7.41
CA VAL A 46 22.23 23.57 8.23
C VAL A 46 22.50 23.07 9.64
N THR A 47 23.32 22.03 9.76
CA THR A 47 23.67 21.46 11.06
C THR A 47 24.58 22.38 11.88
N GLU A 48 25.53 23.04 11.23
CA GLU A 48 26.41 23.95 11.93
C GLU A 48 25.56 25.11 12.45
N PHE A 49 24.56 25.51 11.65
CA PHE A 49 23.65 26.59 12.03
C PHE A 49 22.84 26.16 13.25
N ALA A 50 22.18 25.02 13.15
CA ALA A 50 21.39 24.51 14.24
C ALA A 50 22.18 24.48 15.56
N LYS A 51 23.47 24.15 15.51
CA LYS A 51 24.27 24.12 16.73
C LYS A 51 24.40 25.54 17.29
N THR A 52 24.68 26.48 16.41
CA THR A 52 24.82 27.87 16.80
C THR A 52 23.61 28.32 17.62
N CYS A 53 22.42 27.85 17.23
CA CYS A 53 21.18 28.19 17.92
C CYS A 53 20.95 27.38 19.20
N VAL A 54 21.61 26.23 19.31
CA VAL A 54 21.44 25.40 20.48
C VAL A 54 22.27 26.01 21.60
N ALA A 55 23.26 26.80 21.21
CA ALA A 55 24.15 27.44 22.17
C ALA A 55 23.67 28.83 22.58
N ASP A 56 22.90 29.46 21.70
CA ASP A 56 22.39 30.80 21.95
C ASP A 56 21.15 30.99 21.06
N GLU A 57 19.97 30.97 21.66
CA GLU A 57 18.74 31.14 20.88
C GLU A 57 18.56 32.55 20.38
N SER A 58 19.48 33.43 20.73
CA SER A 58 19.40 34.82 20.30
C SER A 58 20.33 35.09 19.14
N ALA A 59 21.03 34.05 18.70
CA ALA A 59 21.95 34.19 17.58
C ALA A 59 21.15 34.53 16.32
N GLU A 60 21.75 35.28 15.41
CA GLU A 60 21.06 35.71 14.19
C GLU A 60 20.26 34.61 13.48
N ASN A 61 19.10 35.01 12.97
CA ASN A 61 18.21 34.11 12.24
C ASN A 61 17.67 32.92 13.02
N CYS A 62 18.23 32.65 14.19
CA CYS A 62 17.76 31.53 14.98
C CYS A 62 16.29 31.67 15.32
N ASP A 63 15.78 32.89 15.20
CA ASP A 63 14.39 33.17 15.51
C ASP A 63 13.46 32.91 14.33
N LYS A 64 13.98 32.95 13.11
CA LYS A 64 13.20 32.72 11.90
C LYS A 64 12.52 31.35 11.99
N SER A 65 11.41 31.19 11.27
CA SER A 65 10.67 29.92 11.26
C SER A 65 11.29 28.93 10.27
N LEU A 66 11.02 27.65 10.47
CA LEU A 66 11.56 26.62 9.59
C LEU A 66 11.21 26.84 8.13
N HIS A 67 9.94 27.16 7.85
CA HIS A 67 9.54 27.39 6.47
C HIS A 67 10.34 28.50 5.85
N THR A 68 10.76 29.47 6.65
CA THR A 68 11.54 30.57 6.11
C THR A 68 12.98 30.14 5.90
N LEU A 69 13.58 29.58 6.95
CA LEU A 69 14.96 29.11 6.87
C LEU A 69 15.18 28.19 5.68
N PHE A 70 14.31 27.21 5.55
CA PHE A 70 14.34 26.23 4.48
C PHE A 70 14.27 26.91 3.11
N GLY A 71 13.21 27.69 2.91
CA GLY A 71 13.03 28.37 1.63
C GLY A 71 14.18 29.29 1.29
N ASP A 72 14.75 29.95 2.30
CA ASP A 72 15.87 30.86 2.06
C ASP A 72 17.09 30.07 1.60
N LYS A 73 17.33 28.95 2.29
CA LYS A 73 18.46 28.09 1.97
C LYS A 73 18.29 27.59 0.54
N LEU A 74 17.08 27.13 0.26
CA LEU A 74 16.73 26.61 -1.04
C LEU A 74 17.05 27.62 -2.15
N CYS A 75 16.75 28.89 -1.87
CA CYS A 75 16.97 29.93 -2.85
C CYS A 75 18.41 30.43 -2.99
N THR A 76 19.35 29.80 -2.29
CA THR A 76 20.74 30.23 -2.39
C THR A 76 21.46 29.46 -3.48
N VAL A 77 20.96 28.27 -3.80
CA VAL A 77 21.53 27.43 -4.84
C VAL A 77 21.58 28.24 -6.14
N ALA A 78 22.79 28.46 -6.66
CA ALA A 78 22.96 29.24 -7.89
C ALA A 78 22.52 28.53 -9.18
N THR A 79 22.60 27.21 -9.22
CA THR A 79 22.21 26.46 -10.41
C THR A 79 20.69 26.36 -10.52
N LEU A 80 20.01 26.68 -9.43
CA LEU A 80 18.56 26.63 -9.35
C LEU A 80 17.91 26.99 -10.68
N ARG A 81 18.04 28.25 -11.08
CA ARG A 81 17.48 28.74 -12.33
C ARG A 81 17.77 27.84 -13.53
N GLU A 82 19.05 27.58 -13.78
CA GLU A 82 19.45 26.74 -14.91
C GLU A 82 18.98 25.29 -14.80
N THR A 83 18.96 24.73 -13.60
CA THR A 83 18.56 23.34 -13.41
C THR A 83 17.06 23.10 -13.21
N TYR A 84 16.40 23.97 -12.44
CA TYR A 84 14.98 23.82 -12.18
C TYR A 84 14.10 24.88 -12.86
N GLY A 85 14.72 25.92 -13.39
CA GLY A 85 13.98 26.98 -14.07
C GLY A 85 12.84 27.62 -13.31
N GLU A 86 11.61 27.30 -13.72
CA GLU A 86 10.40 27.84 -13.09
C GLU A 86 10.47 27.82 -11.58
N MET A 87 11.05 26.76 -11.02
CA MET A 87 11.16 26.65 -9.58
C MET A 87 11.93 27.82 -8.99
N ALA A 88 12.81 28.41 -9.79
CA ALA A 88 13.60 29.52 -9.34
C ALA A 88 12.76 30.77 -9.24
N ASP A 89 11.65 30.81 -9.97
CA ASP A 89 10.74 31.97 -9.94
C ASP A 89 10.03 32.06 -8.59
N CYS A 90 10.06 30.97 -7.83
CA CYS A 90 9.44 30.91 -6.51
C CYS A 90 10.16 31.81 -5.51
N CYS A 91 11.45 32.05 -5.73
CA CYS A 91 12.23 32.89 -4.84
C CYS A 91 11.87 34.36 -5.00
N ALA A 92 10.89 34.65 -5.84
CA ALA A 92 10.47 36.03 -6.03
C ALA A 92 9.23 36.34 -5.18
N LYS A 93 8.67 35.30 -4.56
CA LYS A 93 7.47 35.49 -3.74
C LYS A 93 7.79 35.55 -2.24
N GLN A 94 6.85 36.07 -1.44
CA GLN A 94 7.02 36.17 0.00
C GLN A 94 6.76 34.79 0.60
N GLU A 95 7.37 34.50 1.74
CA GLU A 95 7.25 33.17 2.33
C GLU A 95 5.89 32.48 2.30
N PRO A 96 4.82 33.20 2.64
CA PRO A 96 3.52 32.53 2.60
C PRO A 96 3.33 31.70 1.32
N GLU A 97 3.36 32.36 0.16
CA GLU A 97 3.19 31.68 -1.12
C GLU A 97 4.46 31.02 -1.65
N ARG A 98 5.62 31.52 -1.23
CA ARG A 98 6.87 30.95 -1.70
C ARG A 98 6.93 29.45 -1.45
N ASN A 99 6.56 29.08 -0.23
CA ASN A 99 6.56 27.69 0.18
C ASN A 99 5.57 26.93 -0.71
N GLU A 100 4.41 27.53 -0.91
CA GLU A 100 3.35 26.94 -1.72
C GLU A 100 3.83 26.70 -3.15
N CYS A 101 4.56 27.67 -3.68
CA CYS A 101 5.12 27.60 -5.02
C CYS A 101 6.06 26.41 -5.12
N PHE A 102 6.76 26.08 -4.04
CA PHE A 102 7.68 24.94 -4.07
C PHE A 102 6.95 23.62 -4.16
N LEU A 103 5.92 23.43 -3.36
CA LEU A 103 5.18 22.17 -3.39
C LEU A 103 4.62 21.89 -4.77
N GLN A 104 4.26 22.95 -5.47
CA GLN A 104 3.71 22.85 -6.81
C GLN A 104 4.70 22.30 -7.84
N HIS A 105 5.99 22.54 -7.62
CA HIS A 105 6.99 22.08 -8.56
C HIS A 105 7.75 20.88 -8.02
N LYS A 106 7.03 20.01 -7.34
CA LYS A 106 7.63 18.81 -6.76
C LYS A 106 7.26 17.67 -7.69
N ASP A 107 8.16 17.30 -8.58
CA ASP A 107 7.88 16.24 -9.53
C ASP A 107 7.65 14.92 -8.79
N ASP A 108 6.42 14.38 -8.89
CA ASP A 108 6.08 13.13 -8.20
C ASP A 108 6.77 11.86 -8.71
N ASN A 109 7.08 11.78 -9.99
CA ASN A 109 7.76 10.63 -10.59
C ASN A 109 8.69 11.15 -11.68
N PRO A 110 9.89 11.61 -11.28
CA PRO A 110 10.98 12.17 -12.10
C PRO A 110 11.56 11.25 -13.18
N ASN A 111 12.44 11.82 -14.01
CA ASN A 111 13.09 11.08 -15.08
C ASN A 111 14.49 10.71 -14.57
N LEU A 112 14.55 9.68 -13.72
CA LEU A 112 15.81 9.17 -13.14
C LEU A 112 15.85 7.68 -13.37
N PRO A 113 17.05 7.13 -13.59
CA PRO A 113 17.19 5.68 -13.82
C PRO A 113 16.77 4.86 -12.61
N ARG A 114 16.28 3.66 -12.88
CA ARG A 114 15.85 2.75 -11.83
C ARG A 114 17.10 2.36 -11.05
N LEU A 115 16.95 2.14 -9.73
CA LEU A 115 18.10 1.78 -8.90
C LEU A 115 18.47 0.31 -9.04
N VAL A 116 19.74 0.07 -9.35
CA VAL A 116 20.21 -1.29 -9.50
C VAL A 116 20.85 -1.75 -8.22
N ARG A 117 20.43 -2.93 -7.77
CA ARG A 117 20.97 -3.50 -6.54
C ARG A 117 22.33 -4.12 -6.88
N PRO A 118 23.40 -3.62 -6.25
CA PRO A 118 24.76 -4.14 -6.48
C PRO A 118 24.89 -5.58 -5.98
N GLU A 119 26.08 -6.16 -6.17
CA GLU A 119 26.34 -7.50 -5.71
C GLU A 119 26.55 -7.43 -4.19
N VAL A 120 26.05 -8.45 -3.48
CA VAL A 120 26.15 -8.50 -2.02
C VAL A 120 27.52 -8.12 -1.48
N ASP A 121 28.56 -8.61 -2.13
CA ASP A 121 29.92 -8.34 -1.70
C ASP A 121 30.31 -6.91 -1.95
N VAL A 122 29.81 -6.35 -3.05
CA VAL A 122 30.13 -4.96 -3.35
C VAL A 122 29.52 -4.11 -2.24
N MET A 123 28.26 -4.38 -1.93
CA MET A 123 27.56 -3.61 -0.89
C MET A 123 28.20 -3.77 0.48
N CYS A 124 28.44 -5.01 0.89
CA CYS A 124 29.04 -5.26 2.20
C CYS A 124 30.39 -4.57 2.37
N THR A 125 31.21 -4.56 1.33
CA THR A 125 32.53 -3.94 1.42
C THR A 125 32.42 -2.43 1.55
N ALA A 126 31.54 -1.83 0.74
CA ALA A 126 31.34 -0.38 0.77
C ALA A 126 30.79 -0.01 2.13
N PHE A 127 29.91 -0.88 2.64
CA PHE A 127 29.28 -0.70 3.94
C PHE A 127 30.31 -0.69 5.05
N HIS A 128 31.39 -1.43 4.85
CA HIS A 128 32.47 -1.53 5.81
C HIS A 128 33.51 -0.41 5.70
N ASP A 129 33.92 -0.07 4.49
CA ASP A 129 34.92 0.98 4.30
C ASP A 129 34.43 2.37 4.68
N ASN A 130 33.15 2.62 4.51
CA ASN A 130 32.59 3.94 4.82
C ASN A 130 31.07 3.84 4.99
N GLU A 131 30.64 3.27 6.10
CA GLU A 131 29.23 3.08 6.40
C GLU A 131 28.32 4.29 6.19
N GLU A 132 28.70 5.44 6.75
CA GLU A 132 27.87 6.62 6.65
C GLU A 132 27.50 7.03 5.23
N THR A 133 28.50 7.45 4.45
CA THR A 133 28.23 7.89 3.09
C THR A 133 27.57 6.78 2.26
N PHE A 134 27.68 5.54 2.74
CA PHE A 134 27.07 4.43 2.03
C PHE A 134 25.56 4.45 2.20
N LEU A 135 25.10 4.71 3.43
CA LEU A 135 23.68 4.74 3.71
C LEU A 135 23.07 6.08 3.36
N LYS A 136 23.86 7.14 3.40
CA LYS A 136 23.34 8.46 3.07
C LYS A 136 23.17 8.61 1.57
N LYS A 137 24.10 8.03 0.80
CA LYS A 137 24.05 8.10 -0.65
C LYS A 137 22.76 7.44 -1.08
N TYR A 138 22.43 6.32 -0.45
CA TYR A 138 21.21 5.63 -0.82
C TYR A 138 19.93 6.27 -0.37
N LEU A 139 19.96 6.83 0.84
CA LEU A 139 18.81 7.52 1.41
C LEU A 139 18.47 8.65 0.45
N TYR A 140 19.52 9.29 -0.05
CA TYR A 140 19.40 10.37 -1.02
C TYR A 140 18.73 9.84 -2.30
N GLU A 141 19.28 8.75 -2.83
CA GLU A 141 18.77 8.11 -4.04
C GLU A 141 17.30 7.77 -3.91
N ILE A 142 16.93 7.20 -2.77
CA ILE A 142 15.55 6.82 -2.54
C ILE A 142 14.67 8.05 -2.36
N ALA A 143 15.17 9.02 -1.60
CA ALA A 143 14.40 10.22 -1.33
C ALA A 143 14.05 11.01 -2.58
N ARG A 144 15.02 11.26 -3.44
CA ARG A 144 14.77 12.03 -4.66
C ARG A 144 13.74 11.35 -5.57
N ARG A 145 13.62 10.03 -5.45
CA ARG A 145 12.67 9.28 -6.26
C ARG A 145 11.27 9.18 -5.65
N HIS A 146 11.13 9.48 -4.36
CA HIS A 146 9.82 9.42 -3.73
C HIS A 146 9.64 10.65 -2.87
N PRO A 147 9.50 11.81 -3.53
CA PRO A 147 9.33 13.15 -2.96
C PRO A 147 8.20 13.30 -1.95
N TYR A 148 7.15 12.50 -2.09
CA TYR A 148 6.00 12.58 -1.18
C TYR A 148 5.98 11.53 -0.06
N PHE A 149 6.99 10.68 -0.02
CA PHE A 149 7.05 9.66 1.03
C PHE A 149 7.36 10.40 2.33
N TYR A 150 6.59 10.14 3.38
CA TYR A 150 6.77 10.79 4.67
C TYR A 150 8.18 10.52 5.21
N ALA A 151 9.03 11.56 5.21
CA ALA A 151 10.43 11.46 5.65
C ALA A 151 10.77 10.55 6.84
N PRO A 152 10.13 10.79 8.01
CA PRO A 152 10.38 9.97 9.19
C PRO A 152 10.16 8.48 8.90
N GLU A 153 9.12 8.20 8.11
CA GLU A 153 8.79 6.84 7.73
C GLU A 153 9.98 6.27 6.94
N LEU A 154 10.62 7.15 6.18
CA LEU A 154 11.76 6.76 5.37
C LEU A 154 12.94 6.48 6.26
N LEU A 155 13.14 7.35 7.24
CA LEU A 155 14.24 7.19 8.18
C LEU A 155 14.06 5.88 8.94
N PHE A 156 12.81 5.52 9.21
CA PHE A 156 12.51 4.29 9.92
C PHE A 156 12.97 3.10 9.08
N PHE A 157 12.73 3.19 7.77
CA PHE A 157 13.15 2.12 6.87
C PHE A 157 14.67 2.01 6.80
N ALA A 158 15.35 3.16 6.77
CA ALA A 158 16.80 3.15 6.71
C ALA A 158 17.42 2.35 7.85
N LYS A 159 17.00 2.63 9.08
CA LYS A 159 17.56 1.92 10.22
C LYS A 159 17.39 0.41 10.12
N ARG A 160 16.34 -0.05 9.46
CA ARG A 160 16.15 -1.49 9.31
C ARG A 160 17.09 -1.98 8.25
N TYR A 161 17.44 -1.09 7.32
CA TYR A 161 18.37 -1.46 6.27
C TYR A 161 19.76 -1.56 6.90
N LYS A 162 20.08 -0.61 7.77
CA LYS A 162 21.37 -0.61 8.44
C LYS A 162 21.53 -1.83 9.32
N ALA A 163 20.41 -2.29 9.89
CA ALA A 163 20.46 -3.45 10.76
C ALA A 163 20.66 -4.73 9.95
N ALA A 164 20.16 -4.72 8.71
CA ALA A 164 20.29 -5.88 7.84
C ALA A 164 21.73 -6.05 7.35
N PHE A 165 22.45 -4.94 7.20
CA PHE A 165 23.84 -5.02 6.75
C PHE A 165 24.76 -5.39 7.89
N THR A 166 24.66 -4.67 9.01
CA THR A 166 25.48 -4.94 10.19
C THR A 166 25.44 -6.43 10.50
N GLU A 167 24.25 -7.01 10.46
CA GLU A 167 24.09 -8.42 10.72
C GLU A 167 24.71 -9.24 9.58
N CYS A 168 23.91 -9.43 8.53
CA CYS A 168 24.29 -10.18 7.34
C CYS A 168 25.69 -10.02 6.76
N CYS A 169 26.29 -8.83 6.83
CA CYS A 169 27.61 -8.65 6.23
C CYS A 169 28.80 -9.26 6.98
N GLN A 170 28.54 -9.98 8.06
CA GLN A 170 29.61 -10.60 8.84
C GLN A 170 29.44 -12.11 8.73
N ALA A 171 28.35 -12.53 8.11
CA ALA A 171 28.03 -13.94 7.94
C ALA A 171 28.88 -14.66 6.91
N ALA A 172 29.09 -15.95 7.13
CA ALA A 172 29.89 -16.78 6.24
C ALA A 172 29.32 -16.69 4.83
N ASP A 173 28.00 -16.81 4.72
CA ASP A 173 27.32 -16.71 3.45
C ASP A 173 26.40 -15.49 3.48
N LYS A 174 26.99 -14.33 3.22
CA LYS A 174 26.28 -13.07 3.23
C LYS A 174 25.05 -13.06 2.34
N ALA A 175 25.24 -13.36 1.06
CA ALA A 175 24.14 -13.37 0.10
C ALA A 175 22.91 -14.09 0.64
N ALA A 176 23.11 -15.27 1.22
CA ALA A 176 22.03 -16.08 1.78
C ALA A 176 21.30 -15.40 2.93
N CYS A 177 21.99 -14.49 3.61
CA CYS A 177 21.41 -13.76 4.73
C CYS A 177 20.79 -12.43 4.24
N LEU A 178 21.58 -11.65 3.51
CA LEU A 178 21.10 -10.36 3.04
C LEU A 178 19.94 -10.35 2.05
N LEU A 179 20.12 -10.95 0.87
CA LEU A 179 19.07 -10.94 -0.14
C LEU A 179 17.67 -11.10 0.43
N PRO A 180 17.42 -12.17 1.18
CA PRO A 180 16.08 -12.37 1.76
C PRO A 180 15.62 -11.16 2.56
N LYS A 181 16.56 -10.45 3.19
CA LYS A 181 16.19 -9.28 3.98
C LYS A 181 15.97 -8.05 3.09
N LEU A 182 16.73 -7.97 2.00
CA LEU A 182 16.60 -6.84 1.09
C LEU A 182 15.33 -6.92 0.27
N ASP A 183 14.73 -8.10 0.20
CA ASP A 183 13.50 -8.27 -0.56
C ASP A 183 12.28 -8.03 0.32
N GLU A 184 12.42 -8.25 1.62
CA GLU A 184 11.32 -8.05 2.55
C GLU A 184 11.06 -6.55 2.61
N LEU A 185 12.12 -5.81 2.91
CA LEU A 185 12.08 -4.36 2.99
C LEU A 185 11.55 -3.71 1.72
N ARG A 186 12.08 -4.13 0.57
CA ARG A 186 11.66 -3.58 -0.70
C ARG A 186 10.15 -3.61 -0.79
N ASP A 187 9.58 -4.80 -0.61
CA ASP A 187 8.15 -4.98 -0.67
C ASP A 187 7.36 -4.17 0.35
N GLU A 188 7.90 -4.01 1.55
CA GLU A 188 7.21 -3.23 2.56
C GLU A 188 7.26 -1.76 2.16
N GLY A 189 8.41 -1.33 1.68
CA GLY A 189 8.56 0.05 1.26
C GLY A 189 7.58 0.36 0.15
N LYS A 190 7.56 -0.50 -0.87
CA LYS A 190 6.66 -0.31 -1.98
C LYS A 190 5.21 -0.43 -1.51
N ALA A 191 4.95 -1.36 -0.59
CA ALA A 191 3.60 -1.57 -0.05
C ALA A 191 3.16 -0.34 0.74
N SER A 192 4.10 0.22 1.50
CA SER A 192 3.86 1.40 2.30
C SER A 192 3.58 2.63 1.42
N SER A 193 4.39 2.81 0.39
CA SER A 193 4.24 3.92 -0.53
C SER A 193 2.89 3.89 -1.24
N ALA A 194 2.55 2.73 -1.79
CA ALA A 194 1.30 2.57 -2.51
C ALA A 194 0.13 2.92 -1.61
N LYS A 195 0.21 2.52 -0.35
CA LYS A 195 -0.83 2.82 0.62
C LYS A 195 -0.97 4.31 0.85
N GLN A 196 0.15 5.03 0.95
CA GLN A 196 0.06 6.47 1.17
C GLN A 196 -0.62 7.13 -0.03
N ARG A 197 -0.07 6.88 -1.22
CA ARG A 197 -0.60 7.46 -2.45
C ARG A 197 -2.09 7.13 -2.58
N LEU A 198 -2.45 5.90 -2.22
CA LEU A 198 -3.83 5.45 -2.26
C LEU A 198 -4.77 6.23 -1.31
N LYS A 199 -4.34 6.45 -0.07
CA LYS A 199 -5.18 7.17 0.87
C LYS A 199 -5.42 8.60 0.44
N CYS A 200 -4.40 9.22 -0.15
CA CYS A 200 -4.52 10.60 -0.60
C CYS A 200 -5.43 10.68 -1.84
N ALA A 201 -5.37 9.67 -2.68
CA ALA A 201 -6.18 9.63 -3.88
C ALA A 201 -7.64 9.51 -3.46
N SER A 202 -7.87 8.62 -2.50
CA SER A 202 -9.20 8.35 -1.97
C SER A 202 -9.78 9.61 -1.38
N LEU A 203 -8.98 10.30 -0.59
CA LEU A 203 -9.41 11.53 0.05
C LEU A 203 -9.86 12.50 -1.03
N GLN A 204 -8.97 12.78 -1.97
CA GLN A 204 -9.25 13.69 -3.07
C GLN A 204 -10.51 13.31 -3.88
N LYS A 205 -10.55 12.07 -4.36
CA LYS A 205 -11.69 11.59 -5.15
C LYS A 205 -13.06 11.51 -4.47
N PHE A 206 -13.15 10.80 -3.34
CA PHE A 206 -14.44 10.65 -2.68
C PHE A 206 -14.70 11.64 -1.54
N GLY A 207 -13.73 12.49 -1.26
CA GLY A 207 -13.94 13.48 -0.24
C GLY A 207 -13.86 13.06 1.22
N GLU A 208 -13.85 14.09 2.06
CA GLU A 208 -13.77 13.96 3.52
C GLU A 208 -14.83 13.05 4.18
N ARG A 209 -16.06 13.12 3.73
CA ARG A 209 -17.10 12.31 4.35
C ARG A 209 -16.83 10.82 4.30
N ALA A 210 -16.48 10.32 3.12
CA ALA A 210 -16.20 8.90 2.96
C ALA A 210 -14.91 8.53 3.71
N PHE A 211 -13.97 9.45 3.76
CA PHE A 211 -12.72 9.22 4.44
C PHE A 211 -12.95 9.06 5.94
N LYS A 212 -13.83 9.90 6.50
CA LYS A 212 -14.12 9.84 7.92
C LYS A 212 -14.91 8.58 8.27
N ALA A 213 -15.82 8.20 7.39
CA ALA A 213 -16.61 7.00 7.61
C ALA A 213 -15.63 5.84 7.72
N TRP A 214 -14.68 5.81 6.78
CA TRP A 214 -13.66 4.79 6.73
C TRP A 214 -12.84 4.78 8.01
N ALA A 215 -12.45 5.96 8.46
CA ALA A 215 -11.65 6.11 9.67
C ALA A 215 -12.46 5.71 10.91
N VAL A 216 -13.75 6.02 10.91
CA VAL A 216 -14.56 5.65 12.06
C VAL A 216 -14.56 4.15 12.25
N ALA A 217 -14.75 3.43 11.16
CA ALA A 217 -14.79 1.98 11.26
C ALA A 217 -13.44 1.40 11.66
N ARG A 218 -12.36 1.86 11.03
CA ARG A 218 -11.04 1.36 11.33
C ARG A 218 -10.58 1.69 12.75
N LEU A 219 -10.91 2.88 13.25
CA LEU A 219 -10.50 3.26 14.60
C LEU A 219 -11.36 2.59 15.64
N SER A 220 -12.58 2.21 15.27
CA SER A 220 -13.42 1.54 16.24
C SER A 220 -12.97 0.08 16.42
N GLN A 221 -12.68 -0.62 15.34
CA GLN A 221 -12.23 -2.00 15.47
C GLN A 221 -10.97 -2.03 16.31
N ARG A 222 -10.15 -1.01 16.15
CA ARG A 222 -8.87 -0.91 16.84
C ARG A 222 -9.00 -0.46 18.30
N PHE A 223 -9.99 0.36 18.58
CA PHE A 223 -10.17 0.87 19.92
C PHE A 223 -11.58 0.61 20.42
N PRO A 224 -11.98 -0.66 20.46
CA PRO A 224 -13.33 -0.99 20.93
C PRO A 224 -13.72 -0.40 22.30
N LYS A 225 -12.74 -0.19 23.17
CA LYS A 225 -13.01 0.38 24.49
C LYS A 225 -13.38 1.86 24.48
N ALA A 226 -12.72 2.64 23.63
CA ALA A 226 -12.97 4.07 23.58
C ALA A 226 -14.43 4.44 23.31
N GLU A 227 -14.83 5.60 23.79
CA GLU A 227 -16.18 6.09 23.61
C GLU A 227 -16.34 6.79 22.27
N PHE A 228 -17.56 6.79 21.73
CA PHE A 228 -17.82 7.41 20.44
C PHE A 228 -17.37 8.86 20.38
N ALA A 229 -17.45 9.53 21.52
CA ALA A 229 -17.05 10.93 21.56
C ALA A 229 -15.55 11.03 21.34
N GLU A 230 -14.80 10.05 21.83
CA GLU A 230 -13.36 10.04 21.68
C GLU A 230 -12.99 9.71 20.23
N VAL A 231 -13.66 8.70 19.68
CA VAL A 231 -13.43 8.26 18.32
C VAL A 231 -13.68 9.37 17.31
N SER A 232 -14.78 10.12 17.46
CA SER A 232 -15.08 11.21 16.53
C SER A 232 -13.95 12.20 16.59
N LYS A 233 -13.56 12.54 17.81
CA LYS A 233 -12.49 13.48 18.02
C LYS A 233 -11.23 13.01 17.29
N LEU A 234 -10.90 11.73 17.42
CA LEU A 234 -9.73 11.17 16.75
C LEU A 234 -9.82 11.25 15.23
N VAL A 235 -10.99 10.90 14.68
CA VAL A 235 -11.18 10.93 13.24
C VAL A 235 -10.99 12.32 12.68
N THR A 236 -11.59 13.29 13.32
CA THR A 236 -11.47 14.67 12.89
C THR A 236 -10.00 15.02 12.82
N ASP A 237 -9.29 14.73 13.91
CA ASP A 237 -7.87 15.02 13.94
C ASP A 237 -7.12 14.22 12.91
N LEU A 238 -7.50 12.97 12.75
CA LEU A 238 -6.82 12.14 11.78
C LEU A 238 -7.13 12.65 10.37
N THR A 239 -8.36 13.09 10.15
CA THR A 239 -8.73 13.59 8.84
C THR A 239 -7.96 14.86 8.51
N LYS A 240 -7.75 15.72 9.50
CA LYS A 240 -7.01 16.94 9.25
C LYS A 240 -5.54 16.60 9.01
N VAL A 241 -5.10 15.49 9.59
CA VAL A 241 -3.71 15.07 9.45
C VAL A 241 -3.37 14.66 8.03
N HIS A 242 -4.12 13.69 7.49
CA HIS A 242 -3.87 13.21 6.13
C HIS A 242 -4.04 14.26 5.05
N THR A 243 -5.02 15.15 5.24
CA THR A 243 -5.26 16.24 4.31
C THR A 243 -3.98 17.05 4.18
N GLU A 244 -3.41 17.39 5.33
CA GLU A 244 -2.17 18.17 5.43
C GLU A 244 -0.93 17.40 4.92
N CYS A 245 -0.83 16.12 5.21
CA CYS A 245 0.31 15.35 4.74
C CYS A 245 0.18 15.07 3.25
N CYS A 246 -1.05 15.01 2.75
CA CYS A 246 -1.28 14.74 1.34
C CYS A 246 -0.94 15.96 0.50
N HIS A 247 -1.11 17.14 1.09
CA HIS A 247 -0.81 18.37 0.38
C HIS A 247 0.70 18.37 0.09
N GLY A 248 1.47 17.70 0.95
CA GLY A 248 2.90 17.59 0.74
C GLY A 248 3.82 18.40 1.64
N ASP A 249 3.27 19.23 2.52
CA ASP A 249 4.12 20.03 3.40
C ASP A 249 4.55 19.20 4.59
N LEU A 250 5.83 18.83 4.58
CA LEU A 250 6.42 18.00 5.62
C LEU A 250 6.30 18.50 7.06
N LEU A 251 6.69 19.75 7.32
CA LEU A 251 6.63 20.32 8.67
C LEU A 251 5.24 20.31 9.26
N GLU A 252 4.29 20.86 8.50
CA GLU A 252 2.90 20.89 8.92
C GLU A 252 2.50 19.48 9.33
N CYS A 253 2.69 18.55 8.39
CA CYS A 253 2.37 17.15 8.59
C CYS A 253 3.01 16.57 9.85
N ALA A 254 4.28 16.87 10.06
CA ALA A 254 4.99 16.35 11.22
C ALA A 254 4.35 16.84 12.52
N ASP A 255 4.13 18.14 12.63
CA ASP A 255 3.53 18.71 13.83
C ASP A 255 2.13 18.18 14.10
N ASP A 256 1.31 18.06 13.06
CA ASP A 256 -0.03 17.52 13.28
C ASP A 256 0.05 16.12 13.87
N ARG A 257 0.90 15.26 13.30
CA ARG A 257 1.05 13.90 13.80
C ARG A 257 1.62 13.89 15.23
N ALA A 258 2.64 14.71 15.46
CA ALA A 258 3.25 14.79 16.77
C ALA A 258 2.15 15.08 17.79
N ASP A 259 1.39 16.14 17.54
CA ASP A 259 0.30 16.53 18.42
C ASP A 259 -0.62 15.35 18.67
N LEU A 260 -1.26 14.85 17.61
CA LEU A 260 -2.18 13.72 17.75
C LEU A 260 -1.60 12.55 18.53
N ALA A 261 -0.30 12.32 18.39
CA ALA A 261 0.34 11.23 19.10
C ALA A 261 0.42 11.55 20.62
N LYS A 262 0.75 12.80 20.94
CA LYS A 262 0.83 13.23 22.34
C LYS A 262 -0.55 13.07 22.98
N TYR A 263 -1.57 13.55 22.29
CA TYR A 263 -2.95 13.46 22.76
C TYR A 263 -3.31 12.02 23.10
N ILE A 264 -3.31 11.16 22.10
CA ILE A 264 -3.67 9.77 22.32
C ILE A 264 -2.93 9.15 23.50
N CYS A 265 -1.70 9.57 23.73
CA CYS A 265 -0.95 8.99 24.85
C CYS A 265 -1.45 9.49 26.19
N GLU A 266 -1.66 10.79 26.29
CA GLU A 266 -2.17 11.38 27.52
C GLU A 266 -3.51 10.75 27.90
N ASN A 267 -4.32 10.40 26.90
CA ASN A 267 -5.64 9.82 27.14
C ASN A 267 -5.63 8.31 26.92
N GLN A 268 -4.45 7.72 27.02
CA GLN A 268 -4.26 6.30 26.82
C GLN A 268 -5.29 5.37 27.47
N ASP A 269 -5.56 5.58 28.76
CA ASP A 269 -6.52 4.76 29.49
C ASP A 269 -7.92 4.86 28.92
N SER A 270 -8.22 6.02 28.34
CA SER A 270 -9.52 6.30 27.74
C SER A 270 -9.67 5.77 26.31
N ILE A 271 -8.56 5.43 25.67
CA ILE A 271 -8.59 4.97 24.29
C ILE A 271 -8.37 3.47 24.09
N SER A 272 -7.23 2.98 24.55
CA SER A 272 -6.88 1.57 24.39
C SER A 272 -5.78 1.17 25.35
N SER A 273 -5.74 -0.11 25.71
CA SER A 273 -4.72 -0.60 26.62
C SER A 273 -3.40 -0.87 25.92
N LYS A 274 -3.45 -1.66 24.85
CA LYS A 274 -2.26 -2.05 24.07
C LYS A 274 -1.52 -0.88 23.43
N LEU A 275 -1.58 0.27 24.09
CA LEU A 275 -0.96 1.49 23.61
C LEU A 275 0.21 1.95 24.49
N LYS A 276 0.59 1.11 25.44
CA LYS A 276 1.67 1.43 26.38
C LYS A 276 3.01 1.73 25.72
N GLU A 277 3.70 0.66 25.31
CA GLU A 277 5.00 0.72 24.65
C GLU A 277 5.10 1.90 23.70
N CYS A 278 4.23 1.91 22.70
CA CYS A 278 4.19 2.97 21.70
C CYS A 278 4.38 4.34 22.32
N CYS A 279 3.61 4.60 23.38
CA CYS A 279 3.66 5.88 24.07
C CYS A 279 4.93 6.11 24.87
N GLU A 280 5.76 5.08 24.91
CA GLU A 280 7.03 5.14 25.62
C GLU A 280 8.18 5.46 24.67
N LYS A 281 8.08 4.97 23.43
CA LYS A 281 9.13 5.18 22.42
C LYS A 281 9.47 6.65 22.19
N PRO A 282 10.58 6.91 21.47
CA PRO A 282 11.01 8.29 21.19
C PRO A 282 10.06 9.01 20.24
N LEU A 283 10.06 10.34 20.32
CA LEU A 283 9.24 11.22 19.48
C LEU A 283 8.97 10.68 18.08
N LEU A 284 10.03 10.54 17.30
CA LEU A 284 9.95 10.05 15.94
C LEU A 284 9.16 8.75 15.74
N GLU A 285 9.19 7.85 16.72
CA GLU A 285 8.52 6.57 16.57
C GLU A 285 7.12 6.44 17.17
N LYS A 286 6.77 7.32 18.10
CA LYS A 286 5.45 7.23 18.72
C LYS A 286 4.33 7.05 17.72
N SER A 287 4.20 7.99 16.79
CA SER A 287 3.13 7.93 15.79
C SER A 287 3.18 6.70 14.90
N HIS A 288 4.37 6.30 14.47
CA HIS A 288 4.52 5.14 13.61
C HIS A 288 4.06 3.85 14.31
N CYS A 289 4.33 3.78 15.61
CA CYS A 289 3.97 2.63 16.43
C CYS A 289 2.46 2.60 16.61
N ILE A 290 1.90 3.75 16.96
CA ILE A 290 0.47 3.85 17.18
C ILE A 290 -0.33 3.46 15.94
N ALA A 291 0.14 3.89 14.78
CA ALA A 291 -0.52 3.58 13.52
C ALA A 291 -0.66 2.08 13.30
N GLU A 292 0.34 1.33 13.73
CA GLU A 292 0.35 -0.13 13.57
C GLU A 292 -0.08 -0.90 14.80
N VAL A 293 -0.54 -0.19 15.84
CA VAL A 293 -0.97 -0.83 17.07
C VAL A 293 -1.98 -1.94 16.81
N GLU A 294 -1.85 -3.01 17.58
CA GLU A 294 -2.72 -4.17 17.51
C GLU A 294 -4.08 -3.82 18.11
N ASN A 295 -5.14 -4.44 17.60
CA ASN A 295 -6.49 -4.18 18.11
C ASN A 295 -6.58 -4.50 19.59
N ASP A 296 -7.25 -3.64 20.34
CA ASP A 296 -7.44 -3.86 21.76
C ASP A 296 -8.56 -4.90 21.88
N GLU A 297 -8.73 -5.48 23.06
CA GLU A 297 -9.78 -6.46 23.26
C GLU A 297 -11.08 -5.71 23.44
N MET A 298 -12.14 -6.22 22.82
CA MET A 298 -13.44 -5.58 22.92
C MET A 298 -14.18 -5.97 24.19
N PRO A 299 -14.79 -4.99 24.87
CA PRO A 299 -15.54 -5.22 26.10
C PRO A 299 -16.40 -6.47 25.99
N ALA A 300 -16.40 -7.26 27.05
CA ALA A 300 -17.19 -8.49 27.06
C ALA A 300 -18.66 -8.20 27.38
N ASP A 301 -18.92 -7.06 28.00
CA ASP A 301 -20.28 -6.69 28.36
C ASP A 301 -20.90 -5.74 27.35
N LEU A 302 -21.14 -6.21 26.12
CA LEU A 302 -21.73 -5.38 25.08
C LEU A 302 -23.09 -5.85 24.60
N PRO A 303 -24.05 -4.92 24.52
CA PRO A 303 -25.43 -5.13 24.08
C PRO A 303 -25.61 -5.49 22.62
N SER A 304 -26.85 -5.74 22.25
CA SER A 304 -27.22 -6.08 20.88
C SER A 304 -27.49 -4.78 20.11
N LEU A 305 -26.91 -4.66 18.91
CA LEU A 305 -27.09 -3.47 18.09
C LEU A 305 -28.57 -3.21 17.83
N ALA A 306 -29.32 -4.28 17.61
CA ALA A 306 -30.74 -4.21 17.31
C ALA A 306 -31.55 -3.43 18.34
N ALA A 307 -30.99 -3.24 19.53
CA ALA A 307 -31.68 -2.50 20.57
C ALA A 307 -31.73 -1.01 20.28
N ASP A 308 -30.59 -0.43 19.92
CA ASP A 308 -30.55 1.00 19.64
C ASP A 308 -30.69 1.37 18.18
N PHE A 309 -30.68 0.39 17.28
CA PHE A 309 -30.80 0.72 15.87
C PHE A 309 -31.95 0.05 15.15
N VAL A 310 -32.68 -0.84 15.83
CA VAL A 310 -33.82 -1.50 15.17
C VAL A 310 -35.07 -1.64 16.04
N GLU A 311 -34.92 -2.31 17.18
CA GLU A 311 -36.05 -2.53 18.09
C GLU A 311 -36.51 -1.26 18.79
N SER A 312 -35.68 -0.24 18.79
CA SER A 312 -36.05 1.01 19.43
C SER A 312 -36.98 1.84 18.57
N LYS A 313 -37.81 2.64 19.21
CA LYS A 313 -38.70 3.56 18.50
C LYS A 313 -37.90 4.85 18.67
N ASP A 314 -38.18 5.85 17.85
CA ASP A 314 -37.44 7.10 17.94
C ASP A 314 -36.09 6.97 17.22
N VAL A 315 -35.97 5.97 16.35
CA VAL A 315 -34.74 5.75 15.58
C VAL A 315 -34.69 6.83 14.51
N CYS A 316 -35.84 7.07 13.88
CA CYS A 316 -35.95 8.08 12.86
C CYS A 316 -35.75 9.49 13.42
N LYS A 317 -36.13 9.69 14.67
CA LYS A 317 -35.98 11.01 15.28
C LYS A 317 -34.51 11.27 15.57
N ASN A 318 -33.84 10.28 16.17
CA ASN A 318 -32.44 10.43 16.48
C ASN A 318 -31.65 10.56 15.19
N TYR A 319 -32.17 9.95 14.14
CA TYR A 319 -31.53 9.99 12.84
C TYR A 319 -31.69 11.33 12.16
N ALA A 320 -32.94 11.78 12.06
CA ALA A 320 -33.26 13.06 11.41
C ALA A 320 -32.51 14.21 12.07
N GLU A 321 -32.37 14.12 13.38
CA GLU A 321 -31.70 15.13 14.17
C GLU A 321 -30.24 15.39 13.76
N ALA A 322 -29.52 14.32 13.43
CA ALA A 322 -28.11 14.41 13.02
C ALA A 322 -27.75 13.12 12.29
N LYS A 323 -28.14 13.04 11.02
CA LYS A 323 -27.90 11.85 10.21
C LYS A 323 -26.49 11.26 10.28
N ASP A 324 -25.50 11.99 9.78
CA ASP A 324 -24.15 11.47 9.80
C ASP A 324 -23.71 11.05 11.17
N VAL A 325 -24.14 11.77 12.19
CA VAL A 325 -23.74 11.43 13.55
C VAL A 325 -24.32 10.09 13.96
N PHE A 326 -25.59 9.90 13.63
CA PHE A 326 -26.28 8.67 13.96
C PHE A 326 -25.62 7.51 13.21
N LEU A 327 -25.45 7.66 11.89
CA LEU A 327 -24.81 6.60 11.11
C LEU A 327 -23.37 6.39 11.61
N GLY A 328 -22.72 7.49 11.97
CA GLY A 328 -21.37 7.41 12.49
C GLY A 328 -21.37 6.48 13.69
N MET A 329 -22.44 6.56 14.48
CA MET A 329 -22.62 5.72 15.67
C MET A 329 -22.83 4.26 15.30
N PHE A 330 -23.74 4.00 14.37
CA PHE A 330 -23.99 2.65 13.92
C PHE A 330 -22.67 1.97 13.53
N LEU A 331 -21.84 2.66 12.76
CA LEU A 331 -20.55 2.11 12.37
C LEU A 331 -19.72 1.80 13.59
N TYR A 332 -19.58 2.79 14.47
CA TYR A 332 -18.79 2.61 15.65
C TYR A 332 -19.25 1.38 16.45
N GLU A 333 -20.56 1.18 16.53
CA GLU A 333 -21.08 0.06 17.28
C GLU A 333 -20.90 -1.26 16.55
N TYR A 334 -21.01 -1.22 15.24
CA TYR A 334 -20.88 -2.43 14.46
C TYR A 334 -19.42 -2.78 14.21
N ALA A 335 -18.55 -1.77 14.20
CA ALA A 335 -17.13 -2.02 13.94
C ALA A 335 -16.36 -2.61 15.11
N ARG A 336 -16.52 -2.03 16.30
CA ARG A 336 -15.79 -2.52 17.46
C ARG A 336 -16.21 -3.91 17.92
N ARG A 337 -17.28 -4.44 17.33
CA ARG A 337 -17.76 -5.76 17.69
C ARG A 337 -17.23 -6.71 16.64
N HIS A 338 -16.77 -6.15 15.53
CA HIS A 338 -16.28 -6.96 14.43
C HIS A 338 -14.91 -6.58 13.89
N PRO A 339 -13.85 -6.84 14.66
CA PRO A 339 -12.52 -6.51 14.17
C PRO A 339 -12.15 -7.54 13.09
N ASP A 340 -13.02 -8.51 12.86
CA ASP A 340 -12.79 -9.54 11.86
C ASP A 340 -13.35 -9.19 10.47
N TYR A 341 -14.04 -8.06 10.38
CA TYR A 341 -14.60 -7.65 9.08
C TYR A 341 -13.64 -6.69 8.38
N SER A 342 -13.75 -6.63 7.07
CA SER A 342 -12.92 -5.69 6.31
C SER A 342 -13.61 -4.34 6.55
N VAL A 343 -12.89 -3.23 6.37
CA VAL A 343 -13.51 -1.93 6.58
C VAL A 343 -14.62 -1.66 5.55
N VAL A 344 -14.31 -1.92 4.27
CA VAL A 344 -15.29 -1.70 3.22
C VAL A 344 -16.55 -2.54 3.46
N LEU A 345 -16.41 -3.67 4.14
CA LEU A 345 -17.60 -4.48 4.43
C LEU A 345 -18.48 -3.74 5.41
N LEU A 346 -17.86 -3.14 6.42
CA LEU A 346 -18.60 -2.41 7.42
C LEU A 346 -19.27 -1.20 6.76
N LEU A 347 -18.56 -0.57 5.82
CA LEU A 347 -19.10 0.57 5.11
C LEU A 347 -20.30 0.10 4.29
N ARG A 348 -20.13 -1.05 3.65
CA ARG A 348 -21.18 -1.64 2.82
C ARG A 348 -22.46 -1.82 3.64
N LEU A 349 -22.31 -2.17 4.92
CA LEU A 349 -23.47 -2.37 5.77
C LEU A 349 -24.07 -1.01 6.09
N ALA A 350 -23.23 -0.11 6.57
CA ALA A 350 -23.67 1.23 6.91
C ALA A 350 -24.44 1.83 5.75
N LYS A 351 -23.89 1.75 4.54
CA LYS A 351 -24.58 2.31 3.38
C LYS A 351 -25.95 1.64 3.23
N THR A 352 -26.05 0.37 3.57
CA THR A 352 -27.31 -0.34 3.49
C THR A 352 -28.27 0.18 4.55
N TYR A 353 -27.77 0.34 5.76
CA TYR A 353 -28.61 0.87 6.84
C TYR A 353 -29.11 2.25 6.41
N GLU A 354 -28.20 3.07 5.92
CA GLU A 354 -28.54 4.42 5.46
C GLU A 354 -29.69 4.38 4.47
N THR A 355 -29.53 3.57 3.44
CA THR A 355 -30.55 3.44 2.42
C THR A 355 -31.91 3.13 3.01
N THR A 356 -31.99 2.10 3.85
CA THR A 356 -33.29 1.75 4.40
C THR A 356 -33.88 2.83 5.33
N LEU A 357 -33.05 3.52 6.11
CA LEU A 357 -33.55 4.58 6.98
C LEU A 357 -34.14 5.70 6.12
N GLU A 358 -33.55 5.92 4.95
CA GLU A 358 -33.99 6.95 4.03
C GLU A 358 -35.27 6.58 3.30
N LYS A 359 -35.66 5.31 3.41
CA LYS A 359 -36.87 4.82 2.78
C LYS A 359 -37.94 4.74 3.85
N CYS A 360 -37.62 3.97 4.88
CA CYS A 360 -38.51 3.72 6.00
C CYS A 360 -39.03 4.90 6.80
N CYS A 361 -38.14 5.80 7.22
CA CYS A 361 -38.55 6.95 8.00
C CYS A 361 -39.60 7.81 7.30
N ALA A 362 -39.74 7.65 5.99
CA ALA A 362 -40.71 8.44 5.27
C ALA A 362 -41.95 7.60 4.97
N ALA A 363 -42.07 6.47 5.64
CA ALA A 363 -43.22 5.58 5.43
C ALA A 363 -44.27 5.70 6.54
N ALA A 364 -45.41 5.05 6.34
CA ALA A 364 -46.49 5.08 7.32
C ALA A 364 -45.98 4.65 8.69
N ASP A 365 -45.75 3.35 8.85
CA ASP A 365 -45.23 2.84 10.11
C ASP A 365 -43.77 2.48 9.89
N PRO A 366 -42.86 3.41 10.22
CA PRO A 366 -41.40 3.24 10.09
C PRO A 366 -40.82 2.02 10.79
N HIS A 367 -41.07 1.92 12.10
CA HIS A 367 -40.56 0.82 12.90
C HIS A 367 -40.78 -0.55 12.27
N GLU A 368 -41.95 -0.74 11.66
CA GLU A 368 -42.30 -2.01 11.02
C GLU A 368 -41.72 -2.13 9.62
N CYS A 369 -41.12 -1.04 9.14
CA CYS A 369 -40.53 -1.01 7.82
C CYS A 369 -39.07 -1.47 7.89
N TYR A 370 -38.31 -0.88 8.81
CA TYR A 370 -36.90 -1.22 8.96
C TYR A 370 -36.72 -2.34 10.00
N ALA A 371 -37.74 -3.16 10.14
CA ALA A 371 -37.70 -4.27 11.10
C ALA A 371 -36.63 -5.30 10.76
N LYS A 372 -36.82 -6.00 9.64
CA LYS A 372 -35.89 -7.04 9.22
C LYS A 372 -34.72 -6.47 8.41
N VAL A 373 -34.08 -5.43 8.90
CA VAL A 373 -32.98 -4.83 8.18
C VAL A 373 -31.68 -5.59 8.41
N PHE A 374 -31.47 -6.09 9.62
CA PHE A 374 -30.27 -6.84 9.91
C PHE A 374 -30.19 -8.07 9.01
N ASP A 375 -31.35 -8.54 8.57
CA ASP A 375 -31.43 -9.70 7.71
C ASP A 375 -30.86 -9.41 6.33
N GLU A 376 -30.84 -8.14 5.96
CA GLU A 376 -30.31 -7.75 4.66
C GLU A 376 -28.77 -7.73 4.68
N PHE A 377 -28.19 -7.66 5.87
CA PHE A 377 -26.74 -7.64 6.01
C PHE A 377 -26.13 -9.00 5.66
N LYS A 378 -26.77 -10.06 6.17
CA LYS A 378 -26.35 -11.44 5.99
C LYS A 378 -25.62 -11.78 4.68
N PRO A 379 -26.28 -11.63 3.52
CA PRO A 379 -25.61 -11.95 2.24
C PRO A 379 -24.38 -11.09 1.97
N LEU A 380 -24.37 -9.87 2.48
CA LEU A 380 -23.25 -8.96 2.29
C LEU A 380 -22.04 -9.42 3.10
N VAL A 381 -22.30 -10.09 4.22
CA VAL A 381 -21.24 -10.57 5.07
C VAL A 381 -20.66 -11.88 4.55
N GLU A 382 -21.54 -12.74 4.07
CA GLU A 382 -21.15 -14.05 3.58
C GLU A 382 -20.38 -14.06 2.26
N GLU A 383 -20.70 -13.09 1.41
CA GLU A 383 -20.04 -12.96 0.13
C GLU A 383 -18.52 -13.00 0.33
N PRO A 384 -17.97 -12.04 1.08
CA PRO A 384 -16.52 -12.06 1.28
C PRO A 384 -16.00 -13.27 2.07
N GLN A 385 -16.79 -13.75 3.02
CA GLN A 385 -16.36 -14.89 3.81
C GLN A 385 -16.21 -16.14 2.94
N ASN A 386 -17.14 -16.33 2.02
CA ASN A 386 -17.09 -17.49 1.16
C ASN A 386 -15.90 -17.39 0.20
N LEU A 387 -15.62 -16.19 -0.30
CA LEU A 387 -14.50 -16.04 -1.19
C LEU A 387 -13.21 -16.47 -0.49
N ILE A 388 -13.09 -16.11 0.78
CA ILE A 388 -11.92 -16.45 1.58
C ILE A 388 -11.84 -17.97 1.82
N LYS A 389 -12.94 -18.59 2.22
CA LYS A 389 -12.88 -20.04 2.47
C LYS A 389 -12.55 -20.69 1.15
N GLN A 390 -13.39 -20.42 0.17
CA GLN A 390 -13.27 -20.94 -1.17
C GLN A 390 -11.84 -20.87 -1.72
N ASN A 391 -11.23 -19.70 -1.67
CA ASN A 391 -9.88 -19.54 -2.19
C ASN A 391 -8.73 -20.10 -1.36
N CYS A 392 -8.75 -19.83 -0.06
CA CYS A 392 -7.68 -20.34 0.78
C CYS A 392 -7.69 -21.86 0.82
N GLU A 393 -8.86 -22.45 0.61
CA GLU A 393 -8.96 -23.91 0.60
C GLU A 393 -8.14 -24.40 -0.59
N LEU A 394 -8.34 -23.75 -1.73
CA LEU A 394 -7.64 -24.08 -2.97
C LEU A 394 -6.13 -23.91 -2.77
N PHE A 395 -5.73 -22.81 -2.14
CA PHE A 395 -4.32 -22.55 -1.90
C PHE A 395 -3.67 -23.64 -1.05
N GLU A 396 -4.39 -24.17 -0.07
CA GLU A 396 -3.87 -25.19 0.82
C GLU A 396 -3.53 -26.47 0.05
N GLN A 397 -4.26 -26.69 -1.03
CA GLN A 397 -4.04 -27.83 -1.89
C GLN A 397 -2.79 -27.54 -2.72
N LEU A 398 -2.95 -26.96 -3.90
CA LEU A 398 -1.80 -26.62 -4.73
C LEU A 398 -1.14 -25.40 -4.11
N GLY A 399 0.14 -25.47 -3.81
CA GLY A 399 0.84 -24.35 -3.19
C GLY A 399 0.77 -23.07 -3.98
N GLU A 400 1.50 -22.06 -3.52
CA GLU A 400 1.53 -20.75 -4.16
C GLU A 400 1.65 -20.75 -5.68
N TYR A 401 2.63 -21.46 -6.21
CA TYR A 401 2.85 -21.50 -7.64
C TYR A 401 1.68 -22.09 -8.44
N LYS A 402 1.26 -23.30 -8.09
CA LYS A 402 0.16 -23.93 -8.78
C LYS A 402 -1.10 -23.10 -8.61
N PHE A 403 -1.20 -22.44 -7.46
CA PHE A 403 -2.34 -21.62 -7.16
C PHE A 403 -2.32 -20.43 -8.09
N GLN A 404 -1.15 -19.81 -8.21
CA GLN A 404 -1.02 -18.67 -9.10
C GLN A 404 -1.49 -19.08 -10.48
N ASN A 405 -1.28 -20.34 -10.82
CA ASN A 405 -1.67 -20.84 -12.13
C ASN A 405 -3.18 -20.90 -12.32
N ALA A 406 -3.90 -21.34 -11.28
CA ALA A 406 -5.35 -21.42 -11.34
C ALA A 406 -5.93 -20.02 -11.53
N LEU A 407 -5.32 -19.03 -10.88
CA LEU A 407 -5.80 -17.66 -11.02
C LEU A 407 -5.54 -17.20 -12.44
N LEU A 408 -4.37 -17.56 -12.95
CA LEU A 408 -3.95 -17.20 -14.28
C LEU A 408 -5.01 -17.64 -15.27
N VAL A 409 -5.46 -18.88 -15.15
CA VAL A 409 -6.47 -19.38 -16.06
C VAL A 409 -7.82 -18.72 -15.84
N ARG A 410 -8.12 -18.45 -14.57
CA ARG A 410 -9.38 -17.83 -14.20
C ARG A 410 -9.57 -16.43 -14.76
N TYR A 411 -8.62 -15.55 -14.53
CA TYR A 411 -8.74 -14.18 -15.01
C TYR A 411 -8.48 -13.97 -16.52
N THR A 412 -7.65 -14.81 -17.11
CA THR A 412 -7.38 -14.68 -18.53
C THR A 412 -8.70 -14.95 -19.26
N LYS A 413 -9.48 -15.87 -18.72
CA LYS A 413 -10.77 -16.22 -19.30
C LYS A 413 -11.81 -15.12 -19.06
N LYS A 414 -11.63 -14.35 -18.01
CA LYS A 414 -12.57 -13.30 -17.71
C LYS A 414 -12.26 -12.02 -18.46
N VAL A 415 -10.98 -11.73 -18.65
CA VAL A 415 -10.57 -10.51 -19.34
C VAL A 415 -9.39 -10.77 -20.30
N PRO A 416 -9.65 -11.51 -21.39
CA PRO A 416 -8.69 -11.89 -22.45
C PRO A 416 -7.88 -10.73 -23.02
N GLN A 417 -8.57 -9.63 -23.33
CA GLN A 417 -7.96 -8.45 -23.91
C GLN A 417 -6.77 -7.91 -23.12
N VAL A 418 -6.64 -8.30 -21.86
CA VAL A 418 -5.53 -7.80 -21.07
C VAL A 418 -4.18 -8.37 -21.49
N SER A 419 -3.17 -7.51 -21.46
CA SER A 419 -1.80 -7.86 -21.83
C SER A 419 -1.25 -9.02 -21.00
N THR A 420 -0.83 -10.07 -21.68
CA THR A 420 -0.26 -11.26 -21.05
C THR A 420 0.69 -10.95 -19.89
N PRO A 421 1.65 -10.03 -20.10
CA PRO A 421 2.58 -9.72 -19.02
C PRO A 421 1.88 -9.04 -17.83
N THR A 422 0.76 -8.37 -18.11
CA THR A 422 -0.02 -7.70 -17.08
C THR A 422 -0.73 -8.77 -16.23
N LEU A 423 -1.34 -9.72 -16.93
CA LEU A 423 -2.06 -10.82 -16.30
C LEU A 423 -1.14 -11.68 -15.43
N VAL A 424 0.09 -11.88 -15.88
CA VAL A 424 1.04 -12.68 -15.14
C VAL A 424 1.37 -11.94 -13.85
N GLU A 425 1.64 -10.64 -13.99
CA GLU A 425 1.97 -9.77 -12.88
C GLU A 425 0.92 -9.80 -11.76
N VAL A 426 -0.33 -9.51 -12.10
CA VAL A 426 -1.37 -9.48 -11.10
C VAL A 426 -1.68 -10.86 -10.52
N SER A 427 -1.81 -11.88 -11.37
CA SER A 427 -2.08 -13.22 -10.86
C SER A 427 -1.02 -13.63 -9.87
N ARG A 428 0.23 -13.25 -10.12
CA ARG A 428 1.29 -13.60 -9.19
C ARG A 428 1.11 -12.87 -7.87
N ASN A 429 0.87 -11.57 -7.92
CA ASN A 429 0.67 -10.80 -6.70
C ASN A 429 -0.52 -11.34 -5.92
N LEU A 430 -1.61 -11.62 -6.62
CA LEU A 430 -2.80 -12.17 -5.97
C LEU A 430 -2.46 -13.45 -5.24
N GLY A 431 -1.65 -14.28 -5.88
CA GLY A 431 -1.26 -15.54 -5.26
C GLY A 431 -0.47 -15.32 -4.00
N LYS A 432 0.28 -14.23 -3.93
CA LYS A 432 1.05 -13.95 -2.74
C LYS A 432 0.10 -13.61 -1.62
N VAL A 433 -0.89 -12.77 -1.91
CA VAL A 433 -1.89 -12.36 -0.93
C VAL A 433 -2.47 -13.63 -0.32
N GLY A 434 -2.59 -14.66 -1.15
CA GLY A 434 -3.11 -15.92 -0.67
C GLY A 434 -2.18 -16.55 0.36
N SER A 435 -0.89 -16.51 0.10
CA SER A 435 0.09 -17.07 1.02
C SER A 435 0.10 -16.30 2.33
N LYS A 436 0.15 -14.98 2.18
CA LYS A 436 0.20 -14.07 3.29
C LYS A 436 -1.01 -14.10 4.23
N CYS A 437 -2.20 -14.19 3.65
CA CYS A 437 -3.41 -14.14 4.48
C CYS A 437 -4.03 -15.45 4.87
N CYS A 438 -3.74 -16.50 4.13
CA CYS A 438 -4.33 -17.79 4.46
C CYS A 438 -3.59 -18.43 5.63
N LYS A 439 -2.45 -17.86 6.01
CA LYS A 439 -1.65 -18.36 7.12
C LYS A 439 -2.32 -18.00 8.45
N HIS A 440 -3.07 -16.89 8.43
CA HIS A 440 -3.80 -16.38 9.60
C HIS A 440 -5.04 -17.19 9.97
N PRO A 441 -5.52 -17.03 11.20
CA PRO A 441 -6.72 -17.76 11.61
C PRO A 441 -7.88 -17.02 11.00
N GLU A 442 -8.95 -17.74 10.70
CA GLU A 442 -10.14 -17.16 10.10
C GLU A 442 -10.43 -15.69 10.46
N ALA A 443 -10.31 -15.35 11.74
CA ALA A 443 -10.61 -14.00 12.21
C ALA A 443 -9.76 -12.83 11.74
N LYS A 444 -8.64 -13.08 11.07
CA LYS A 444 -7.83 -11.96 10.62
C LYS A 444 -7.67 -11.96 9.11
N ARG A 445 -8.15 -13.01 8.49
CA ARG A 445 -8.03 -13.13 7.04
C ARG A 445 -8.64 -11.96 6.27
N MET A 446 -9.92 -11.63 6.52
CA MET A 446 -10.56 -10.54 5.80
C MET A 446 -9.80 -9.23 5.91
N PRO A 447 -9.46 -8.82 7.14
CA PRO A 447 -8.71 -7.57 7.24
C PRO A 447 -7.43 -7.64 6.41
N CYS A 448 -6.74 -8.78 6.50
CA CYS A 448 -5.49 -9.01 5.78
C CYS A 448 -5.67 -8.88 4.26
N ALA A 449 -6.66 -9.58 3.73
CA ALA A 449 -6.89 -9.51 2.29
C ALA A 449 -7.34 -8.11 1.86
N GLU A 450 -8.22 -7.49 2.63
CA GLU A 450 -8.67 -6.15 2.27
C GLU A 450 -7.42 -5.29 2.12
N ASP A 451 -6.51 -5.45 3.06
CA ASP A 451 -5.25 -4.71 3.07
C ASP A 451 -4.41 -4.87 1.80
N TYR A 452 -4.13 -6.09 1.40
CA TYR A 452 -3.31 -6.32 0.22
C TYR A 452 -4.02 -6.09 -1.09
N LEU A 453 -5.27 -6.53 -1.18
CA LEU A 453 -6.05 -6.35 -2.38
C LEU A 453 -6.22 -4.89 -2.82
N SER A 454 -6.40 -4.00 -1.86
CA SER A 454 -6.61 -2.58 -2.15
C SER A 454 -5.49 -1.99 -2.98
N VAL A 455 -4.26 -2.38 -2.68
CA VAL A 455 -3.09 -1.89 -3.39
C VAL A 455 -3.03 -2.49 -4.78
N VAL A 456 -3.15 -3.81 -4.85
CA VAL A 456 -3.10 -4.51 -6.13
C VAL A 456 -4.19 -4.04 -7.07
N LEU A 457 -5.40 -3.88 -6.54
CA LEU A 457 -6.54 -3.44 -7.33
C LEU A 457 -6.31 -2.03 -7.85
N ASN A 458 -5.67 -1.21 -7.04
CA ASN A 458 -5.41 0.15 -7.44
C ASN A 458 -4.38 0.18 -8.57
N GLN A 459 -3.25 -0.48 -8.36
CA GLN A 459 -2.21 -0.53 -9.38
C GLN A 459 -2.81 -1.01 -10.68
N LEU A 460 -3.66 -2.02 -10.59
CA LEU A 460 -4.30 -2.56 -11.77
C LEU A 460 -5.04 -1.48 -12.54
N CYS A 461 -5.90 -0.75 -11.83
CA CYS A 461 -6.69 0.31 -12.45
C CYS A 461 -5.88 1.45 -13.04
N VAL A 462 -4.79 1.82 -12.39
CA VAL A 462 -3.95 2.88 -12.92
C VAL A 462 -3.43 2.46 -14.29
N LEU A 463 -2.83 1.27 -14.35
CA LEU A 463 -2.30 0.75 -15.60
C LEU A 463 -3.37 0.75 -16.68
N HIS A 464 -4.56 0.30 -16.32
CA HIS A 464 -5.64 0.23 -17.27
C HIS A 464 -6.11 1.63 -17.64
N GLU A 465 -5.98 2.57 -16.72
CA GLU A 465 -6.40 3.93 -17.01
C GLU A 465 -5.58 4.43 -18.20
N LYS A 466 -4.26 4.35 -18.06
CA LYS A 466 -3.33 4.78 -19.08
C LYS A 466 -3.59 4.10 -20.42
N THR A 467 -3.65 2.77 -20.41
CA THR A 467 -3.88 2.03 -21.64
C THR A 467 -5.12 1.13 -21.56
N PRO A 468 -6.32 1.72 -21.58
CA PRO A 468 -7.61 1.03 -21.52
C PRO A 468 -7.71 -0.14 -22.48
N VAL A 469 -8.47 -1.15 -22.11
CA VAL A 469 -8.62 -2.35 -22.92
C VAL A 469 -10.00 -2.96 -22.80
N SER A 470 -10.60 -2.83 -21.62
CA SER A 470 -11.94 -3.37 -21.41
C SER A 470 -12.83 -2.38 -20.66
N ASP A 471 -14.05 -2.23 -21.15
CA ASP A 471 -14.99 -1.32 -20.51
C ASP A 471 -15.30 -1.82 -19.10
N ARG A 472 -15.51 -3.13 -18.98
CA ARG A 472 -15.80 -3.75 -17.68
C ARG A 472 -14.76 -3.35 -16.63
N VAL A 473 -13.49 -3.51 -16.97
CA VAL A 473 -12.42 -3.16 -16.06
C VAL A 473 -12.51 -1.66 -15.74
N THR A 474 -12.89 -0.85 -16.72
CA THR A 474 -13.03 0.60 -16.49
C THR A 474 -14.24 0.87 -15.60
N LYS A 475 -15.30 0.06 -15.77
CA LYS A 475 -16.49 0.16 -14.95
C LYS A 475 -16.07 -0.10 -13.49
N CYS A 476 -15.63 -1.32 -13.24
CA CYS A 476 -15.17 -1.72 -11.92
C CYS A 476 -14.22 -0.72 -11.29
N CYS A 477 -13.28 -0.23 -12.07
CA CYS A 477 -12.30 0.73 -11.58
C CYS A 477 -12.86 2.10 -11.22
N THR A 478 -13.94 2.51 -11.87
CA THR A 478 -14.54 3.83 -11.59
C THR A 478 -15.76 3.75 -10.70
N GLU A 479 -15.98 2.59 -10.10
CA GLU A 479 -17.11 2.39 -9.22
C GLU A 479 -16.73 2.98 -7.87
N SER A 480 -17.64 2.93 -6.89
CA SER A 480 -17.31 3.44 -5.57
C SER A 480 -16.25 2.51 -4.99
N LEU A 481 -15.37 3.05 -4.15
CA LEU A 481 -14.31 2.25 -3.54
C LEU A 481 -14.86 1.10 -2.70
N VAL A 482 -16.17 1.11 -2.46
CA VAL A 482 -16.81 0.07 -1.69
C VAL A 482 -17.30 -1.04 -2.64
N ASN A 483 -17.54 -0.69 -3.90
CA ASN A 483 -18.01 -1.69 -4.86
C ASN A 483 -16.89 -2.24 -5.73
N ARG A 484 -15.74 -1.57 -5.73
CA ARG A 484 -14.61 -1.98 -6.56
C ARG A 484 -14.33 -3.48 -6.59
N ARG A 485 -14.00 -4.06 -5.44
CA ARG A 485 -13.70 -5.48 -5.39
C ARG A 485 -14.89 -6.42 -5.76
N PRO A 486 -16.11 -6.12 -5.29
CA PRO A 486 -17.23 -7.01 -5.65
C PRO A 486 -17.48 -6.94 -7.15
N CYS A 487 -17.16 -5.81 -7.75
CA CYS A 487 -17.34 -5.62 -9.19
C CYS A 487 -16.36 -6.55 -9.90
N PHE A 488 -15.09 -6.52 -9.51
CA PHE A 488 -14.10 -7.40 -10.14
C PHE A 488 -14.44 -8.87 -9.89
N SER A 489 -15.08 -9.15 -8.75
CA SER A 489 -15.49 -10.52 -8.44
C SER A 489 -16.73 -10.90 -9.23
N ALA A 490 -17.40 -9.91 -9.80
CA ALA A 490 -18.61 -10.18 -10.57
C ALA A 490 -18.32 -10.40 -12.05
N LEU A 491 -17.08 -10.17 -12.47
CA LEU A 491 -16.74 -10.39 -13.87
C LEU A 491 -16.97 -11.85 -14.21
N GLU A 492 -17.38 -12.10 -15.45
CA GLU A 492 -17.64 -13.46 -15.90
C GLU A 492 -16.81 -13.77 -17.13
N VAL A 493 -16.71 -15.05 -17.45
CA VAL A 493 -15.96 -15.44 -18.62
C VAL A 493 -16.43 -14.62 -19.81
N ASP A 494 -15.50 -14.07 -20.57
CA ASP A 494 -15.84 -13.26 -21.73
C ASP A 494 -16.13 -14.18 -22.92
N GLU A 495 -17.40 -14.37 -23.24
CA GLU A 495 -17.78 -15.24 -24.35
C GLU A 495 -17.79 -14.53 -25.69
N THR A 496 -17.43 -13.25 -25.69
CA THR A 496 -17.39 -12.46 -26.90
C THR A 496 -16.03 -12.60 -27.60
N TYR A 497 -15.00 -12.69 -26.77
CA TYR A 497 -13.62 -12.83 -27.24
C TYR A 497 -13.42 -13.85 -28.35
N VAL A 498 -12.60 -13.47 -29.33
CA VAL A 498 -12.27 -14.34 -30.43
C VAL A 498 -10.81 -14.75 -30.28
N PRO A 499 -10.58 -16.07 -30.15
CA PRO A 499 -9.25 -16.66 -29.99
C PRO A 499 -8.19 -16.02 -30.87
N LYS A 500 -7.00 -15.82 -30.31
CA LYS A 500 -5.93 -15.23 -31.10
C LYS A 500 -5.33 -16.28 -32.01
N GLU A 501 -4.79 -15.82 -33.12
CA GLU A 501 -4.16 -16.67 -34.12
C GLU A 501 -3.01 -17.46 -33.54
N PHE A 502 -3.06 -18.78 -33.68
CA PHE A 502 -1.99 -19.66 -33.20
C PHE A 502 -0.64 -19.14 -33.67
N ASN A 503 0.36 -19.20 -32.80
CA ASN A 503 1.70 -18.76 -33.16
C ASN A 503 2.72 -19.80 -32.73
N ALA A 504 3.35 -20.44 -33.70
CA ALA A 504 4.34 -21.46 -33.42
C ALA A 504 5.43 -20.93 -32.48
N GLU A 505 5.94 -19.75 -32.77
CA GLU A 505 6.98 -19.13 -31.94
C GLU A 505 6.59 -19.15 -30.46
N THR A 506 5.39 -18.67 -30.17
CA THR A 506 4.86 -18.59 -28.81
C THR A 506 5.00 -19.87 -27.97
N PHE A 507 5.00 -21.03 -28.63
CA PHE A 507 5.13 -22.26 -27.87
C PHE A 507 6.38 -23.05 -28.22
N THR A 508 7.47 -22.32 -28.39
CA THR A 508 8.77 -22.91 -28.71
C THR A 508 9.70 -22.58 -27.54
N PHE A 509 10.20 -23.61 -26.87
CA PHE A 509 11.07 -23.40 -25.72
C PHE A 509 12.45 -24.04 -25.89
N HIS A 510 13.48 -23.33 -25.46
CA HIS A 510 14.85 -23.80 -25.56
C HIS A 510 15.38 -24.26 -24.22
N ALA A 511 16.58 -24.84 -24.24
CA ALA A 511 17.22 -25.35 -23.02
C ALA A 511 17.67 -24.28 -22.05
N ASP A 512 17.57 -23.01 -22.45
CA ASP A 512 17.96 -21.94 -21.55
C ASP A 512 17.08 -21.93 -20.31
N ILE A 513 15.86 -22.45 -20.43
CA ILE A 513 14.95 -22.50 -19.30
C ILE A 513 15.49 -23.40 -18.18
N CYS A 514 16.43 -24.27 -18.54
CA CYS A 514 17.04 -25.19 -17.57
C CYS A 514 18.03 -24.42 -16.70
N THR A 515 18.72 -23.47 -17.33
CA THR A 515 19.71 -22.65 -16.63
C THR A 515 19.06 -21.49 -15.89
N LEU A 516 17.80 -21.21 -16.19
CA LEU A 516 17.09 -20.11 -15.54
C LEU A 516 16.76 -20.41 -14.09
N SER A 517 16.53 -19.34 -13.32
CA SER A 517 16.19 -19.43 -11.90
C SER A 517 14.71 -19.76 -11.79
N GLU A 518 14.34 -20.47 -10.72
CA GLU A 518 12.94 -20.84 -10.50
C GLU A 518 12.06 -19.64 -10.82
N LYS A 519 12.55 -18.46 -10.50
CA LYS A 519 11.81 -17.24 -10.76
C LYS A 519 11.53 -17.12 -12.26
N GLU A 520 12.57 -17.21 -13.08
CA GLU A 520 12.43 -17.10 -14.53
C GLU A 520 11.61 -18.22 -15.11
N ARG A 521 11.93 -19.46 -14.73
CA ARG A 521 11.22 -20.63 -15.23
C ARG A 521 9.73 -20.38 -15.10
N GLN A 522 9.29 -20.09 -13.87
CA GLN A 522 7.87 -19.81 -13.62
C GLN A 522 7.34 -18.75 -14.59
N ILE A 523 7.97 -17.59 -14.59
CA ILE A 523 7.57 -16.50 -15.46
C ILE A 523 7.43 -16.96 -16.90
N LYS A 524 8.45 -17.65 -17.39
CA LYS A 524 8.43 -18.14 -18.76
C LYS A 524 7.23 -19.04 -18.97
N LYS A 525 7.09 -20.05 -18.11
CA LYS A 525 5.99 -21.00 -18.21
C LYS A 525 4.61 -20.34 -18.08
N GLN A 526 4.44 -19.51 -17.05
CA GLN A 526 3.16 -18.83 -16.81
C GLN A 526 2.75 -17.95 -17.97
N THR A 527 3.74 -17.43 -18.70
CA THR A 527 3.44 -16.60 -19.85
C THR A 527 2.91 -17.48 -20.97
N ALA A 528 3.42 -18.70 -21.06
CA ALA A 528 2.98 -19.63 -22.10
C ALA A 528 1.58 -20.10 -21.76
N LEU A 529 1.33 -20.26 -20.46
CA LEU A 529 0.03 -20.70 -19.96
C LEU A 529 -1.07 -19.70 -20.31
N VAL A 530 -0.77 -18.42 -20.13
CA VAL A 530 -1.73 -17.37 -20.46
C VAL A 530 -2.01 -17.40 -21.94
N GLU A 531 -0.95 -17.42 -22.75
CA GLU A 531 -1.10 -17.45 -24.21
C GLU A 531 -1.87 -18.69 -24.67
N LEU A 532 -1.74 -19.78 -23.91
CA LEU A 532 -2.48 -20.98 -24.26
C LEU A 532 -3.98 -20.72 -24.10
N VAL A 533 -4.36 -20.14 -22.97
CA VAL A 533 -5.77 -19.83 -22.71
C VAL A 533 -6.31 -18.83 -23.75
N LYS A 534 -5.47 -17.91 -24.21
CA LYS A 534 -5.90 -16.92 -25.20
C LYS A 534 -6.13 -17.53 -26.57
N HIS A 535 -5.44 -18.61 -26.88
CA HIS A 535 -5.62 -19.25 -28.17
C HIS A 535 -6.76 -20.25 -28.15
N LYS A 536 -7.05 -20.80 -26.98
CA LYS A 536 -8.16 -21.75 -26.85
C LYS A 536 -8.84 -21.59 -25.49
N PRO A 537 -9.52 -20.45 -25.30
CA PRO A 537 -10.24 -20.09 -24.08
C PRO A 537 -11.37 -21.03 -23.70
N LYS A 538 -11.85 -21.81 -24.66
CA LYS A 538 -12.94 -22.73 -24.41
C LYS A 538 -12.41 -24.05 -23.85
N ALA A 539 -11.10 -24.14 -23.66
CA ALA A 539 -10.49 -25.35 -23.14
C ALA A 539 -10.85 -25.62 -21.69
N THR A 540 -11.31 -26.83 -21.43
CA THR A 540 -11.70 -27.25 -20.09
C THR A 540 -10.52 -27.28 -19.12
N LYS A 541 -10.81 -27.19 -17.83
CA LYS A 541 -9.75 -27.25 -16.83
C LYS A 541 -9.11 -28.63 -16.92
N GLU A 542 -9.86 -29.58 -17.45
CA GLU A 542 -9.36 -30.94 -17.62
C GLU A 542 -8.35 -30.94 -18.76
N GLN A 543 -8.77 -30.40 -19.90
CA GLN A 543 -7.88 -30.33 -21.06
C GLN A 543 -6.58 -29.65 -20.70
N LEU A 544 -6.69 -28.46 -20.12
CA LEU A 544 -5.52 -27.67 -19.72
C LEU A 544 -4.61 -28.46 -18.78
N LYS A 545 -5.21 -29.11 -17.78
CA LYS A 545 -4.44 -29.90 -16.82
C LYS A 545 -3.55 -30.94 -17.52
N ALA A 546 -4.12 -31.66 -18.48
CA ALA A 546 -3.38 -32.69 -19.21
C ALA A 546 -2.25 -32.11 -20.05
N VAL A 547 -2.57 -31.04 -20.77
CA VAL A 547 -1.58 -30.37 -21.59
C VAL A 547 -0.46 -29.85 -20.69
N MET A 548 -0.82 -29.42 -19.49
CA MET A 548 0.17 -28.88 -18.56
C MET A 548 1.07 -29.93 -17.98
N ASP A 549 0.51 -31.09 -17.71
CA ASP A 549 1.31 -32.17 -17.14
C ASP A 549 2.32 -32.59 -18.20
N ASP A 550 1.82 -32.96 -19.38
CA ASP A 550 2.71 -33.35 -20.46
C ASP A 550 3.86 -32.35 -20.50
N PHE A 551 3.51 -31.08 -20.55
CA PHE A 551 4.53 -30.04 -20.61
C PHE A 551 5.55 -30.21 -19.49
N ALA A 552 5.05 -30.43 -18.28
CA ALA A 552 5.93 -30.62 -17.12
C ALA A 552 6.99 -31.64 -17.50
N ALA A 553 6.54 -32.85 -17.80
CA ALA A 553 7.45 -33.93 -18.21
C ALA A 553 8.41 -33.37 -19.26
N PHE A 554 7.84 -32.91 -20.38
CA PHE A 554 8.61 -32.33 -21.47
C PHE A 554 9.86 -31.61 -20.95
N VAL A 555 9.67 -30.47 -20.32
CA VAL A 555 10.78 -29.69 -19.78
C VAL A 555 11.76 -30.54 -18.98
N GLU A 556 11.23 -31.29 -18.04
CA GLU A 556 12.05 -32.16 -17.21
C GLU A 556 12.86 -33.11 -18.08
N LYS A 557 12.15 -33.92 -18.86
CA LYS A 557 12.76 -34.92 -19.73
C LYS A 557 13.66 -34.34 -20.84
N CYS A 558 13.90 -33.04 -20.78
CA CYS A 558 14.76 -32.40 -21.77
C CYS A 558 15.90 -31.69 -21.06
N CYS A 559 15.66 -31.32 -19.81
CA CYS A 559 16.67 -30.65 -18.99
C CYS A 559 17.42 -31.68 -18.17
N LYS A 560 17.46 -32.92 -18.68
CA LYS A 560 18.14 -33.98 -17.98
C LYS A 560 18.57 -35.03 -18.99
N ALA A 561 18.67 -34.60 -20.25
CA ALA A 561 19.06 -35.48 -21.34
C ALA A 561 20.30 -34.98 -22.08
N ASP A 562 21.07 -35.91 -22.64
CA ASP A 562 22.28 -35.58 -23.38
C ASP A 562 21.86 -34.71 -24.58
N ASP A 563 22.65 -33.69 -24.90
CA ASP A 563 22.31 -32.84 -26.02
C ASP A 563 20.92 -32.24 -25.77
N LYS A 564 20.85 -31.33 -24.82
CA LYS A 564 19.57 -30.71 -24.45
C LYS A 564 18.81 -30.02 -25.59
N GLU A 565 19.51 -29.22 -26.38
CA GLU A 565 18.91 -28.45 -27.46
C GLU A 565 18.13 -29.21 -28.53
N THR A 566 18.34 -30.53 -28.63
CA THR A 566 17.62 -31.34 -29.61
C THR A 566 16.31 -31.82 -29.01
N CYS A 567 16.33 -32.19 -27.74
CA CYS A 567 15.16 -32.69 -27.03
C CYS A 567 14.06 -31.62 -26.98
N PHE A 568 14.47 -30.35 -27.00
CA PHE A 568 13.54 -29.22 -26.99
C PHE A 568 13.06 -28.86 -28.38
N ALA A 569 13.61 -29.50 -29.41
CA ALA A 569 13.21 -29.19 -30.77
C ALA A 569 12.44 -30.34 -31.39
N GLU A 570 12.83 -31.55 -31.02
CA GLU A 570 12.18 -32.74 -31.53
C GLU A 570 10.96 -33.08 -30.68
N GLU A 571 11.18 -33.24 -29.38
CA GLU A 571 10.10 -33.55 -28.45
C GLU A 571 9.04 -32.44 -28.37
N GLY A 572 9.47 -31.20 -28.55
CA GLY A 572 8.56 -30.07 -28.49
C GLY A 572 7.60 -30.06 -29.65
N LYS A 573 8.13 -30.28 -30.85
CA LYS A 573 7.29 -30.29 -32.04
C LYS A 573 6.20 -31.34 -31.82
N LYS A 574 6.58 -32.44 -31.17
CA LYS A 574 5.64 -33.51 -30.88
C LYS A 574 4.54 -32.97 -29.98
N LEU A 575 4.95 -32.38 -28.87
CA LEU A 575 4.04 -31.81 -27.90
C LEU A 575 3.05 -30.87 -28.56
N VAL A 576 3.57 -29.86 -29.25
CA VAL A 576 2.75 -28.87 -29.91
C VAL A 576 1.78 -29.47 -30.91
N ALA A 577 2.11 -30.63 -31.43
CA ALA A 577 1.21 -31.27 -32.39
C ALA A 577 0.22 -32.09 -31.58
N ALA A 578 0.73 -32.88 -30.66
CA ALA A 578 -0.13 -33.70 -29.83
C ALA A 578 -1.15 -32.78 -29.15
N SER A 579 -0.63 -31.73 -28.51
CA SER A 579 -1.48 -30.78 -27.82
C SER A 579 -2.51 -30.14 -28.74
N GLN A 580 -2.08 -29.50 -29.82
CA GLN A 580 -3.02 -28.85 -30.73
C GLN A 580 -4.21 -29.76 -30.99
N ALA A 581 -3.93 -31.03 -31.27
CA ALA A 581 -4.97 -32.01 -31.56
C ALA A 581 -5.93 -32.23 -30.39
N ALA A 582 -5.38 -32.42 -29.20
CA ALA A 582 -6.18 -32.65 -27.99
C ALA A 582 -7.21 -31.52 -27.84
N LEU A 583 -6.82 -30.32 -28.27
CA LEU A 583 -7.70 -29.17 -28.19
C LEU A 583 -8.30 -28.95 -29.57
C1 MYR B . 16.53 -2.95 -4.02
O1 MYR B . 16.74 -2.95 -5.26
O2 MYR B . 16.17 -3.97 -3.40
C2 MYR B . 16.72 -1.65 -3.23
C3 MYR B . 17.96 -0.87 -3.72
C4 MYR B . 19.15 -1.49 -2.97
C5 MYR B . 19.77 -0.51 -1.97
C6 MYR B . 20.61 -1.20 -0.90
C7 MYR B . 20.23 -0.72 0.50
C8 MYR B . 21.01 0.52 0.93
C9 MYR B . 20.45 1.13 2.23
C10 MYR B . 19.59 2.38 1.95
C11 MYR B . 19.00 2.97 3.22
C12 MYR B . 17.55 3.42 3.00
C1 MYR C . 5.88 12.33 14.21
O1 MYR C . 5.60 11.72 13.15
O2 MYR C . 5.51 11.92 15.33
C2 MYR C . 6.67 13.64 14.14
C3 MYR C . 8.18 13.36 14.08
C4 MYR C . 8.86 14.74 14.18
C5 MYR C . 9.19 15.31 12.79
C6 MYR C . 10.04 16.58 12.82
C7 MYR C . 10.66 16.82 11.42
C8 MYR C . 11.20 18.24 11.28
C9 MYR C . 12.22 18.34 10.14
C10 MYR C . 13.25 19.44 10.41
C11 MYR C . 13.85 19.96 9.12
C1 MYR D . -13.97 -7.03 0.88
O1 MYR D . -14.25 -6.58 -0.25
O2 MYR D . -14.73 -6.92 1.85
C2 MYR D . -12.63 -7.76 1.09
C3 MYR D . -12.84 -9.28 1.08
C4 MYR D . -11.97 -9.78 -0.09
C5 MYR D . -12.07 -11.30 -0.30
C6 MYR D . -11.02 -11.79 -1.29
C7 MYR D . -10.67 -13.27 -1.09
C8 MYR D . -9.19 -13.45 -0.81
C9 MYR D . -8.55 -14.45 -1.76
C10 MYR D . -7.05 -14.29 -1.87
C11 MYR D . -6.64 -14.03 -3.30
C1 MYR E . -12.26 -12.80 -6.98
O1 MYR E . -13.32 -13.03 -6.36
O2 MYR E . -12.10 -13.13 -8.17
C2 MYR E . -11.12 -12.11 -6.24
C3 MYR E . -11.27 -10.59 -6.35
C4 MYR E . -9.98 -10.11 -6.99
C5 MYR E . -10.25 -9.37 -8.28
C6 MYR E . -9.07 -9.48 -9.22
C7 MYR E . -9.36 -8.82 -10.57
C8 MYR E . -8.30 -9.22 -11.60
C9 MYR E . -8.74 -8.86 -13.01
C10 MYR E . -7.61 -9.12 -14.00
C11 MYR E . -7.12 -7.83 -14.64
C1 MYR F . 3.91 -26.26 -14.66
O1 MYR F . 3.66 -27.37 -15.17
O2 MYR F . 4.30 -26.15 -13.47
C2 MYR F . 3.75 -24.98 -15.47
C3 MYR F . 2.58 -25.07 -16.44
C4 MYR F . 3.16 -24.64 -17.77
C5 MYR F . 2.30 -25.09 -18.93
C6 MYR F . 2.49 -24.20 -20.15
C7 MYR F . 1.57 -24.65 -21.27
C8 MYR F . 2.25 -24.56 -22.62
C9 MYR F . 1.77 -25.70 -23.51
C10 MYR F . 2.13 -25.44 -24.96
C11 MYR F . 1.37 -26.37 -25.90
C12 MYR F . 0.92 -25.64 -27.17
C13 MYR F . -0.60 -25.49 -27.23
C14 MYR F . -1.07 -25.30 -28.66
C1 MYR G . -20.67 5.97 -1.02
O1 MYR G . -21.88 6.26 -1.18
O2 MYR G . -20.17 4.87 -1.39
C2 MYR G . -19.76 6.98 -0.34
C3 MYR G . -20.06 7.06 1.16
C4 MYR G . -19.39 5.84 1.78
C5 MYR G . -19.64 5.77 3.28
C6 MYR G . -20.75 4.78 3.61
C7 MYR G . -21.94 5.49 4.26
C8 MYR G . -21.72 5.69 5.75
C9 MYR G . -21.87 7.15 6.13
C10 MYR G . -21.46 7.39 7.56
C11 MYR G . -20.86 8.76 7.74
C12 MYR G . -20.04 8.81 9.01
C13 MYR G . -19.30 10.13 9.11
C14 MYR G . -18.71 10.31 10.50
C DIU H . -1.82 7.06 10.79
O1 DIU H . -2.01 5.90 10.40
O2 DIU H . -1.40 7.92 9.98
O3 DIU H . -3.85 5.73 12.34
C1 DIU H . -2.06 7.41 12.15
C2 DIU H . -3.09 6.74 12.90
C3 DIU H . -3.32 7.11 14.26
C4 DIU H . -2.56 8.14 14.86
C5 DIU H . -1.56 8.80 14.12
C6 DIU H . -1.31 8.45 12.77
I1 DIU H . -4.78 6.18 15.36
I2 DIU H . -0.48 10.28 15.04
#